data_5FBY
#
_entry.id   5FBY
#
_cell.length_a   55.559
_cell.length_b   98.889
_cell.length_c   107.747
_cell.angle_alpha   90.00
_cell.angle_beta   90.00
_cell.angle_gamma   90.00
#
_symmetry.space_group_name_H-M   'P 21 21 21'
#
loop_
_entity.id
_entity.type
_entity.pdbx_description
1 polymer separase
2 polymer 'cleaved peptide'
3 water water
#
loop_
_entity_poly.entity_id
_entity_poly.type
_entity_poly.pdbx_seq_one_letter_code
_entity_poly.pdbx_strand_id
1 'polypeptide(L)'
;KKGLVNGNGTEMTSVQFPPPPNLAASAPRRSSLGFTLDLHRIQRDYIDLVPKHWHVISLSLSDGGHDLCITRLQAGQAPF
VLRLPLERASSRDSSVDETDVFDFHTGRAELLEIIKEINRTCHDSRDMAAKGEREKWWAEREALDQRLKELLMNIEHVWL
GGFRGVFSQHGRRPELLEKFRAMFEGVLDKHLPSRRQVGRGKKGKGVAGQTKVVLDGNVLELFIGLGDATKSGADFDEEL
TDLLYFVVDILQFHGERNAYDEIDFDSMVVETMDALMAYHAEANAAPESDSHAHTILVLDKQLHVFPWESLPCLQGLAVS
RIPSLACLRKLLLDRRRSSSQIQGEDSEEEDPRSAGHHAPLSGGTYILNPSSDLLSTQKTFESLFSTHLHSPNSWTRIIS
RPPTEPEFLSALTHSPILLYFGHGSGAQYIRSRNIRHLDHCRATVLLMGCSSAALTAKGEFEPSGPVWNYMLAGAPAVVG
TLWDVTDRDIDRFAGGVLEGWGVLPEGCMGEKNGKKKAGRNGLSLVQAVAKARDRCRFRYVTAAAAVVYGIPVYVDVDGK
SKD
;
A
2 'polypeptide(L)' MGSSHHHHHHSQLEVLFQGPLGSGRP B
#
# COMPACT_ATOMS: atom_id res chain seq x y z
N LEU A 23 19.55 -2.28 28.24
CA LEU A 23 18.32 -2.15 27.45
C LEU A 23 18.62 -1.85 25.95
N ALA A 24 17.80 -2.46 25.08
CA ALA A 24 18.14 -2.58 23.68
C ALA A 24 18.04 -1.27 22.90
N ALA A 25 19.07 -0.97 22.12
CA ALA A 25 19.06 0.21 21.27
C ALA A 25 18.42 -0.09 19.90
N SER A 26 17.68 0.87 19.36
CA SER A 26 17.07 0.70 18.06
C SER A 26 17.41 1.82 17.09
N ALA A 27 18.13 2.85 17.54
CA ALA A 27 18.40 4.02 16.72
C ALA A 27 19.69 4.75 17.07
N PRO A 28 20.31 5.40 16.08
CA PRO A 28 21.51 6.17 16.40
C PRO A 28 21.19 7.57 16.92
N ARG A 29 20.34 7.68 17.93
CA ARG A 29 19.98 8.99 18.50
C ARG A 29 19.31 8.84 19.87
N ARG A 30 19.17 9.94 20.61
CA ARG A 30 18.57 9.89 21.95
C ARG A 30 17.08 9.57 21.91
N SER A 31 16.67 8.62 22.74
CA SER A 31 15.26 8.29 22.89
C SER A 31 14.61 9.28 23.84
N SER A 32 13.68 10.08 23.32
CA SER A 32 13.03 11.13 24.11
C SER A 32 11.84 10.54 24.90
N LEU A 33 11.75 10.83 26.19
CA LEU A 33 10.75 10.13 27.01
C LEU A 33 9.32 10.54 26.68
N GLY A 34 9.11 11.81 26.34
CA GLY A 34 7.78 12.26 25.99
C GLY A 34 7.31 11.65 24.69
N PHE A 35 8.21 11.59 23.71
CA PHE A 35 7.91 10.93 22.44
C PHE A 35 7.55 9.46 22.68
N THR A 36 8.36 8.78 23.49
CA THR A 36 8.14 7.34 23.72
C THR A 36 6.82 7.05 24.44
N LEU A 37 6.49 7.90 25.40
CA LEU A 37 5.19 7.82 26.10
C LEU A 37 4.02 8.00 25.13
N ASP A 38 4.12 9.01 24.27
CA ASP A 38 3.09 9.30 23.28
C ASP A 38 2.89 8.09 22.38
N LEU A 39 4.02 7.55 21.90
CA LEU A 39 4.04 6.38 21.05
C LEU A 39 3.36 5.17 21.77
N HIS A 40 3.65 4.99 23.05
CA HIS A 40 3.08 3.87 23.80
C HIS A 40 1.58 4.10 24.05
N ARG A 41 1.17 5.35 24.20
CA ARG A 41 -0.26 5.65 24.31
C ARG A 41 -0.99 5.36 22.99
N ILE A 42 -0.34 5.67 21.86
CA ILE A 42 -0.90 5.39 20.54
C ILE A 42 -1.02 3.87 20.34
N GLN A 43 0.00 3.16 20.76
CA GLN A 43 0.01 1.70 20.68
C GLN A 43 -1.16 1.10 21.47
N ARG A 44 -1.32 1.55 22.70
CA ARG A 44 -2.38 1.08 23.57
C ARG A 44 -3.76 1.45 23.02
N ASP A 45 -3.99 2.69 22.63
CA ASP A 45 -5.35 3.13 22.32
C ASP A 45 -5.78 2.97 20.86
N TYR A 46 -4.82 2.74 19.96
CA TYR A 46 -5.14 2.53 18.56
C TYR A 46 -4.59 1.22 18.04
N ILE A 47 -3.30 0.98 18.20
CA ILE A 47 -2.68 -0.14 17.49
C ILE A 47 -3.11 -1.49 18.12
N ASP A 48 -3.31 -1.51 19.43
CA ASP A 48 -3.69 -2.77 20.06
C ASP A 48 -5.11 -3.23 19.65
N LEU A 49 -5.86 -2.42 18.90
CA LEU A 49 -7.12 -2.86 18.27
C LEU A 49 -6.93 -3.43 16.88
N VAL A 50 -5.76 -3.27 16.30
CA VAL A 50 -5.56 -3.70 14.94
C VAL A 50 -5.24 -5.20 14.93
N PRO A 51 -5.90 -5.96 14.05
CA PRO A 51 -5.60 -7.39 13.91
C PRO A 51 -4.10 -7.65 13.86
N LYS A 52 -3.61 -8.66 14.58
CA LYS A 52 -2.16 -8.87 14.72
C LYS A 52 -1.43 -9.22 13.46
N HIS A 53 -2.14 -9.73 12.46
CA HIS A 53 -1.52 -10.02 11.16
C HIS A 53 -1.46 -8.81 10.24
N TRP A 54 -1.93 -7.66 10.72
CA TRP A 54 -1.82 -6.43 9.94
C TRP A 54 -0.75 -5.55 10.59
N HIS A 55 -0.05 -4.77 9.79
CA HIS A 55 0.80 -3.76 10.40
C HIS A 55 0.58 -2.43 9.69
N VAL A 56 0.89 -1.39 10.45
CA VAL A 56 0.68 -0.02 10.07
C VAL A 56 2.04 0.59 9.90
N ILE A 57 2.27 1.19 8.74
CA ILE A 57 3.49 1.91 8.47
C ILE A 57 3.22 3.33 8.05
N SER A 58 3.81 4.31 8.76
CA SER A 58 3.73 5.70 8.35
C SER A 58 5.01 6.14 7.68
N LEU A 59 4.81 6.96 6.65
CA LEU A 59 5.86 7.58 5.87
C LEU A 59 5.69 9.10 5.86
N SER A 60 6.76 9.79 6.22
CA SER A 60 6.77 11.25 6.19
C SER A 60 8.19 11.74 5.96
N LEU A 61 8.32 12.99 5.55
CA LEU A 61 9.64 13.59 5.38
C LEU A 61 9.97 14.41 6.60
N SER A 62 11.26 14.46 6.91
CA SER A 62 11.75 15.35 7.96
C SER A 62 11.52 16.80 7.54
N ASP A 63 11.50 17.70 8.51
CA ASP A 63 11.31 19.13 8.24
C ASP A 63 12.33 19.58 7.19
N GLY A 64 13.57 19.10 7.34
CA GLY A 64 14.61 19.41 6.38
C GLY A 64 14.34 18.91 4.97
N GLY A 65 13.66 17.78 4.84
CA GLY A 65 13.46 17.16 3.55
C GLY A 65 14.55 16.15 3.25
N HIS A 66 15.54 16.05 4.13
CA HIS A 66 16.65 15.14 3.90
C HIS A 66 16.40 13.68 4.26
N ASP A 67 15.44 13.43 5.16
CA ASP A 67 15.22 12.10 5.72
C ASP A 67 13.79 11.60 5.49
N LEU A 68 13.70 10.33 5.15
CA LEU A 68 12.42 9.63 5.15
C LEU A 68 12.20 9.02 6.52
N CYS A 69 11.11 9.41 7.16
CA CYS A 69 10.79 8.94 8.48
C CYS A 69 9.74 7.85 8.36
N ILE A 70 10.09 6.68 8.89
CA ILE A 70 9.26 5.49 8.81
C ILE A 70 8.95 5.00 10.24
N THR A 71 7.66 4.84 10.53
CA THR A 71 7.25 4.27 11.79
C THR A 71 6.46 3.02 11.50
N ARG A 72 6.88 1.92 12.10
CA ARG A 72 6.18 0.64 11.93
C ARG A 72 5.52 0.20 13.23
N LEU A 73 4.22 -0.06 13.15
CA LEU A 73 3.40 -0.31 14.32
C LEU A 73 2.59 -1.60 14.09
N GLN A 74 2.53 -2.43 15.13
CA GLN A 74 1.82 -3.69 15.07
C GLN A 74 1.41 -4.17 16.49
N ALA A 75 0.18 -4.65 16.61
CA ALA A 75 -0.34 -5.13 17.91
C ALA A 75 0.61 -6.22 18.44
N GLY A 76 1.01 -6.12 19.69
CA GLY A 76 1.95 -7.06 20.31
C GLY A 76 3.40 -6.93 19.91
N GLN A 77 3.75 -5.89 19.15
CA GLN A 77 5.14 -5.64 18.81
C GLN A 77 5.53 -4.26 19.33
N ALA A 78 6.80 -4.13 19.69
CA ALA A 78 7.37 -2.82 20.01
C ALA A 78 7.34 -1.94 18.78
N PRO A 79 6.94 -0.67 18.94
CA PRO A 79 7.02 0.27 17.81
C PRO A 79 8.43 0.41 17.32
N PHE A 80 8.58 0.58 16.01
CA PHE A 80 9.90 0.79 15.44
C PHE A 80 9.90 2.11 14.70
N VAL A 81 10.85 2.99 15.05
CA VAL A 81 10.98 4.29 14.42
C VAL A 81 12.30 4.38 13.72
N LEU A 82 12.22 4.69 12.43
CA LEU A 82 13.33 4.77 11.54
C LEU A 82 13.39 6.15 10.86
N ARG A 83 14.59 6.71 10.80
CA ARG A 83 14.85 7.97 10.15
C ARG A 83 15.97 7.75 9.13
N LEU A 84 15.62 7.72 7.85
CA LEU A 84 16.54 7.37 6.77
C LEU A 84 17.01 8.57 5.94
N PRO A 85 18.29 8.96 6.08
CA PRO A 85 18.80 10.02 5.19
C PRO A 85 18.89 9.49 3.77
N LEU A 86 18.16 10.12 2.88
CA LEU A 86 18.06 9.68 1.50
C LEU A 86 19.40 9.70 0.76
N GLU A 87 20.32 10.56 1.19
CA GLU A 87 21.61 10.74 0.51
C GLU A 87 22.82 10.11 1.20
N ARG A 88 22.57 9.18 2.11
CA ARG A 88 23.64 8.60 2.93
C ARG A 88 24.80 7.93 2.16
N ALA A 89 24.56 7.48 0.94
CA ALA A 89 25.62 6.80 0.18
C ALA A 89 26.70 7.76 -0.33
N VAL A 101 21.65 14.70 -4.91
CA VAL A 101 21.47 14.42 -6.33
C VAL A 101 20.11 13.74 -6.53
N PHE A 102 19.99 12.45 -6.20
CA PHE A 102 18.68 11.79 -6.19
C PHE A 102 18.05 12.02 -4.81
N ASP A 103 17.75 13.27 -4.53
CA ASP A 103 17.09 13.63 -3.30
C ASP A 103 15.60 13.58 -3.53
N PHE A 104 14.85 13.92 -2.49
CA PHE A 104 13.39 13.82 -2.58
C PHE A 104 12.81 14.74 -3.62
N HIS A 105 13.33 15.98 -3.66
CA HIS A 105 12.85 16.95 -4.62
C HIS A 105 12.97 16.40 -6.03
N THR A 106 14.11 15.78 -6.31
CA THR A 106 14.41 15.23 -7.62
C THR A 106 13.51 14.05 -7.97
N GLY A 107 13.34 13.15 -7.00
CA GLY A 107 12.47 12.01 -7.20
C GLY A 107 11.03 12.41 -7.44
N ARG A 108 10.50 13.30 -6.60
CA ARG A 108 9.14 13.78 -6.75
C ARG A 108 8.93 14.52 -8.06
N ALA A 109 9.89 15.37 -8.44
CA ALA A 109 9.83 16.05 -9.74
C ALA A 109 9.75 15.07 -10.93
N GLU A 110 10.56 14.04 -10.91
CA GLU A 110 10.56 13.05 -11.98
C GLU A 110 9.21 12.31 -12.01
N LEU A 111 8.70 11.95 -10.84
CA LEU A 111 7.37 11.32 -10.76
C LEU A 111 6.28 12.19 -11.35
N LEU A 112 6.21 13.46 -10.96
CA LEU A 112 5.16 14.32 -11.45
C LEU A 112 5.29 14.54 -12.96
N GLU A 113 6.51 14.58 -13.48
CA GLU A 113 6.68 14.78 -14.93
C GLU A 113 6.18 13.53 -15.65
N ILE A 114 6.56 12.36 -15.16
CA ILE A 114 6.03 11.10 -15.73
C ILE A 114 4.48 11.09 -15.68
N ILE A 115 3.90 11.43 -14.55
CA ILE A 115 2.46 11.41 -14.45
C ILE A 115 1.82 12.34 -15.48
N LYS A 116 2.35 13.55 -15.59
CA LYS A 116 1.86 14.50 -16.57
C LYS A 116 1.89 13.89 -17.98
N GLU A 117 2.99 13.22 -18.31
CA GLU A 117 3.11 12.65 -19.66
C GLU A 117 2.14 11.47 -19.83
N ILE A 118 1.96 10.68 -18.77
CA ILE A 118 0.99 9.60 -18.82
C ILE A 118 -0.43 10.14 -19.07
N ASN A 119 -0.80 11.16 -18.31
CA ASN A 119 -2.14 11.74 -18.44
C ASN A 119 -2.37 12.21 -19.85
N ARG A 120 -1.38 12.87 -20.43
CA ARG A 120 -1.50 13.33 -21.80
C ARG A 120 -1.74 12.20 -22.78
N THR A 121 -1.12 11.02 -22.58
CA THR A 121 -1.35 9.92 -23.51
C THR A 121 -2.79 9.45 -23.41
N CYS A 122 -3.38 9.55 -22.23
CA CYS A 122 -4.77 9.14 -22.09
C CYS A 122 -5.68 10.11 -22.83
N HIS A 123 -5.45 11.40 -22.72
CA HIS A 123 -6.34 12.37 -23.40
C HIS A 123 -6.19 12.35 -24.91
N ASP A 124 -5.02 12.00 -25.40
CA ASP A 124 -4.78 12.07 -26.85
C ASP A 124 -5.10 10.77 -27.58
N SER A 125 -5.64 9.78 -26.85
CA SER A 125 -5.97 8.46 -27.40
C SER A 125 -6.81 8.53 -28.68
N ARG A 126 -7.99 9.14 -28.57
CA ARG A 126 -8.91 9.29 -29.69
C ARG A 126 -8.28 10.05 -30.84
N ASP A 127 -7.57 11.12 -30.49
CA ASP A 127 -6.91 11.96 -31.47
C ASP A 127 -5.85 11.18 -32.26
N MET A 128 -4.97 10.49 -31.55
CA MET A 128 -3.91 9.70 -32.18
C MET A 128 -4.52 8.66 -33.11
N ALA A 129 -5.61 8.04 -32.67
CA ALA A 129 -6.29 7.04 -33.48
C ALA A 129 -6.84 7.67 -34.78
N ALA A 130 -7.37 8.88 -34.67
CA ALA A 130 -7.87 9.58 -35.84
C ALA A 130 -6.73 9.89 -36.82
N LYS A 131 -5.54 10.18 -36.29
CA LYS A 131 -4.39 10.51 -37.13
C LYS A 131 -3.71 9.26 -37.68
N GLY A 132 -4.24 8.09 -37.35
CA GLY A 132 -3.63 6.82 -37.74
C GLY A 132 -2.27 6.58 -37.08
N GLU A 133 -2.14 6.93 -35.80
CA GLU A 133 -0.85 6.84 -35.10
C GLU A 133 -1.01 6.12 -33.76
N ARG A 134 -1.88 5.12 -33.76
CA ARG A 134 -2.11 4.31 -32.57
C ARG A 134 -0.82 3.62 -32.14
N GLU A 135 0.01 3.26 -33.12
CA GLU A 135 1.24 2.56 -32.80
C GLU A 135 2.25 3.46 -32.06
N LYS A 136 2.44 4.70 -32.51
CA LYS A 136 3.36 5.62 -31.83
C LYS A 136 2.82 5.92 -30.43
N TRP A 137 1.51 6.05 -30.34
CA TRP A 137 0.85 6.29 -29.05
C TRP A 137 1.16 5.16 -28.07
N TRP A 138 1.03 3.93 -28.53
CA TRP A 138 1.27 2.77 -27.71
C TRP A 138 2.74 2.72 -27.28
N ALA A 139 3.65 3.01 -28.22
CA ALA A 139 5.09 3.05 -27.93
C ALA A 139 5.44 4.09 -26.86
N GLU A 140 4.77 5.24 -26.90
CA GLU A 140 4.98 6.28 -25.90
C GLU A 140 4.58 5.78 -24.51
N ARG A 141 3.46 5.08 -24.44
CA ARG A 141 3.00 4.52 -23.18
C ARG A 141 3.95 3.44 -22.67
N GLU A 142 4.44 2.58 -23.57
CA GLU A 142 5.42 1.57 -23.18
C GLU A 142 6.67 2.23 -22.58
N ALA A 143 7.08 3.35 -23.18
CA ALA A 143 8.30 4.03 -22.74
C ALA A 143 8.10 4.66 -21.36
N LEU A 144 6.91 5.21 -21.13
CA LEU A 144 6.59 5.78 -19.81
C LEU A 144 6.50 4.68 -18.74
N ASP A 145 5.99 3.52 -19.15
CA ASP A 145 5.90 2.36 -18.24
C ASP A 145 7.28 1.98 -17.74
N GLN A 146 8.25 1.93 -18.67
CA GLN A 146 9.63 1.64 -18.34
C GLN A 146 10.24 2.75 -17.45
N ARG A 147 9.94 4.01 -17.75
CA ARG A 147 10.47 5.14 -16.96
C ARG A 147 9.97 5.11 -15.51
N LEU A 148 8.69 4.79 -15.33
CA LEU A 148 8.14 4.74 -13.98
C LEU A 148 8.69 3.50 -13.23
N LYS A 149 8.79 2.38 -13.91
CA LYS A 149 9.46 1.21 -13.33
C LYS A 149 10.87 1.57 -12.82
N GLU A 150 11.64 2.25 -13.65
CA GLU A 150 13.00 2.65 -13.30
C GLU A 150 13.03 3.59 -12.09
N LEU A 151 12.16 4.59 -12.07
CA LEU A 151 12.06 5.47 -10.91
C LEU A 151 11.79 4.68 -9.62
N LEU A 152 10.84 3.75 -9.70
CA LEU A 152 10.52 2.96 -8.49
C LEU A 152 11.70 2.05 -8.10
N MET A 153 12.41 1.53 -9.10
CA MET A 153 13.60 0.73 -8.80
C MET A 153 14.62 1.58 -8.07
N ASN A 154 14.79 2.81 -8.53
CA ASN A 154 15.79 3.71 -7.95
C ASN A 154 15.40 4.18 -6.54
N ILE A 155 14.10 4.38 -6.30
CA ILE A 155 13.64 4.70 -4.96
C ILE A 155 13.94 3.56 -4.02
N GLU A 156 13.62 2.36 -4.43
CA GLU A 156 13.87 1.23 -3.56
C GLU A 156 15.35 1.04 -3.35
N HIS A 157 16.15 1.26 -4.39
CA HIS A 157 17.56 1.00 -4.30
C HIS A 157 18.29 2.06 -3.51
N VAL A 158 18.02 3.33 -3.81
CA VAL A 158 18.73 4.43 -3.16
C VAL A 158 18.06 4.83 -1.83
N TRP A 159 16.78 5.13 -1.82
CA TRP A 159 16.16 5.66 -0.63
C TRP A 159 16.05 4.57 0.44
N LEU A 160 15.46 3.44 0.08
CA LEU A 160 15.25 2.36 1.03
C LEU A 160 16.50 1.56 1.30
N GLY A 161 17.19 1.19 0.23
CA GLY A 161 18.40 0.40 0.32
C GLY A 161 18.22 -0.81 1.20
N GLY A 162 19.11 -0.95 2.16
CA GLY A 162 19.10 -2.11 3.02
C GLY A 162 18.00 -2.06 4.06
N PHE A 163 17.17 -1.00 4.02
CA PHE A 163 16.06 -0.87 4.97
C PHE A 163 14.74 -1.31 4.41
N ARG A 164 14.74 -1.87 3.21
CA ARG A 164 13.49 -2.20 2.56
C ARG A 164 12.71 -3.23 3.39
N GLY A 165 13.42 -3.93 4.27
CA GLY A 165 12.82 -4.96 5.09
C GLY A 165 11.83 -4.41 6.09
N VAL A 166 11.79 -3.10 6.29
CA VAL A 166 10.81 -2.52 7.21
C VAL A 166 9.40 -2.80 6.64
N PHE A 167 9.31 -3.01 5.32
CA PHE A 167 8.02 -3.26 4.66
C PHE A 167 7.73 -4.76 4.61
N SER A 168 8.60 -5.59 5.17
CA SER A 168 8.38 -7.01 5.08
C SER A 168 7.12 -7.50 5.84
N GLN A 169 6.39 -8.40 5.21
CA GLN A 169 5.23 -9.01 5.82
C GLN A 169 5.57 -10.38 6.43
N HIS A 170 6.85 -10.73 6.51
CA HIS A 170 7.23 -12.04 7.07
C HIS A 170 6.69 -12.21 8.49
N GLY A 171 6.28 -13.44 8.79
CA GLY A 171 5.88 -13.81 10.13
C GLY A 171 7.08 -13.85 11.05
N ARG A 172 6.95 -13.20 12.19
CA ARG A 172 8.03 -13.15 13.19
C ARG A 172 8.14 -14.50 13.89
N ARG A 173 9.36 -15.00 14.01
CA ARG A 173 9.64 -16.30 14.62
C ARG A 173 10.75 -16.15 15.68
N PRO A 174 10.36 -15.95 16.95
CA PRO A 174 11.31 -15.65 18.02
C PRO A 174 12.41 -16.67 18.15
N GLU A 175 12.09 -17.95 18.04
CA GLU A 175 13.10 -19.00 18.16
C GLU A 175 14.17 -18.89 17.07
N LEU A 176 13.75 -18.58 15.86
CA LEU A 176 14.70 -18.45 14.77
C LEU A 176 15.49 -17.17 14.88
N LEU A 177 14.82 -16.13 15.34
CA LEU A 177 15.45 -14.84 15.51
C LEU A 177 16.52 -14.87 16.58
N GLU A 178 16.24 -15.56 17.70
CA GLU A 178 17.25 -15.72 18.75
C GLU A 178 18.47 -16.48 18.24
N LYS A 179 18.28 -17.42 17.32
CA LYS A 179 19.45 -18.04 16.69
C LYS A 179 20.21 -17.04 15.83
N PHE A 180 19.49 -16.28 15.02
CA PHE A 180 20.16 -15.28 14.18
C PHE A 180 20.88 -14.25 15.04
N ARG A 181 20.23 -13.83 16.13
CA ARG A 181 20.85 -12.92 17.08
C ARG A 181 22.19 -13.45 17.59
N ALA A 182 22.20 -14.72 17.99
CA ALA A 182 23.46 -15.30 18.48
C ALA A 182 24.56 -15.27 17.40
N MET A 183 24.21 -15.62 16.17
CA MET A 183 25.20 -15.60 15.09
C MET A 183 25.62 -14.18 14.76
N PHE A 184 24.66 -13.26 14.75
CA PHE A 184 24.98 -11.89 14.39
C PHE A 184 25.81 -11.20 15.46
N GLU A 185 25.49 -11.42 16.74
CA GLU A 185 26.31 -10.89 17.82
C GLU A 185 27.73 -11.48 17.70
N GLY A 186 27.84 -12.71 17.23
CA GLY A 186 29.15 -13.31 16.97
C GLY A 186 29.93 -12.54 15.90
N VAL A 187 29.24 -12.13 14.84
CA VAL A 187 29.90 -11.36 13.77
C VAL A 187 30.48 -10.07 14.34
N LEU A 188 29.68 -9.36 15.12
CA LEU A 188 30.13 -8.14 15.78
C LEU A 188 31.34 -8.37 16.71
N ASP A 189 31.28 -9.40 17.55
CA ASP A 189 32.38 -9.73 18.46
C ASP A 189 33.68 -9.98 17.68
N LYS A 190 33.57 -10.64 16.55
CA LYS A 190 34.73 -11.02 15.76
C LYS A 190 35.39 -9.86 15.01
N HIS A 191 34.61 -8.89 14.53
CA HIS A 191 35.12 -7.88 13.60
C HIS A 191 35.14 -6.46 14.15
N LEU A 192 34.37 -6.22 15.19
CA LEU A 192 34.42 -4.92 15.86
C LEU A 192 35.45 -5.03 16.97
N PRO A 193 35.97 -3.89 17.42
CA PRO A 193 36.57 -3.94 18.75
C PRO A 193 35.70 -3.33 19.86
N SER A 194 35.18 -4.04 20.88
CA SER A 194 35.09 -5.52 21.06
C SER A 194 36.34 -6.42 20.96
N ARG A 195 37.53 -5.87 20.79
CA ARG A 195 38.70 -6.67 20.45
C ARG A 195 39.75 -6.60 21.55
N LYS A 212 28.67 -5.12 24.06
CA LYS A 212 28.20 -4.18 25.07
C LYS A 212 26.81 -3.59 24.75
N VAL A 213 26.70 -2.80 23.68
CA VAL A 213 25.37 -2.31 23.25
C VAL A 213 24.62 -3.46 22.61
N VAL A 214 23.39 -3.69 23.05
CA VAL A 214 22.58 -4.78 22.51
C VAL A 214 21.45 -4.23 21.63
N LEU A 215 21.23 -4.90 20.51
CA LEU A 215 20.31 -4.43 19.50
C LEU A 215 18.90 -4.92 19.77
N ASP A 216 17.95 -4.04 19.55
CA ASP A 216 16.54 -4.40 19.57
C ASP A 216 16.23 -5.41 18.49
N GLY A 217 15.31 -6.33 18.77
CA GLY A 217 14.89 -7.34 17.80
C GLY A 217 14.43 -6.71 16.50
N ASN A 218 13.81 -5.54 16.58
CA ASN A 218 13.30 -4.85 15.39
C ASN A 218 14.41 -4.52 14.40
N VAL A 219 15.61 -4.26 14.93
CA VAL A 219 16.76 -3.98 14.08
C VAL A 219 17.15 -5.28 13.38
N LEU A 220 17.15 -6.39 14.13
CA LEU A 220 17.49 -7.66 13.51
C LEU A 220 16.44 -8.11 12.49
N GLU A 221 15.18 -7.74 12.72
CA GLU A 221 14.14 -8.10 11.78
C GLU A 221 14.37 -7.41 10.42
N LEU A 222 15.08 -6.29 10.40
CA LEU A 222 15.40 -5.65 9.12
C LEU A 222 16.24 -6.56 8.23
N PHE A 223 17.14 -7.32 8.86
CA PHE A 223 18.01 -8.24 8.13
C PHE A 223 17.20 -9.39 7.56
N ILE A 224 16.36 -9.96 8.41
CA ILE A 224 15.46 -11.04 8.04
C ILE A 224 14.55 -10.62 6.89
N GLY A 225 14.06 -9.38 6.97
CA GLY A 225 13.13 -8.80 6.01
C GLY A 225 13.67 -8.50 4.62
N LEU A 226 14.99 -8.61 4.45
CA LEU A 226 15.61 -8.42 3.12
C LEU A 226 15.12 -9.43 2.11
N GLY A 227 14.63 -10.56 2.61
CA GLY A 227 14.04 -11.59 1.77
C GLY A 227 14.73 -12.92 2.00
N ASP A 228 14.32 -13.93 1.24
CA ASP A 228 14.87 -15.29 1.35
C ASP A 228 16.30 -15.35 0.85
N ALA A 229 17.25 -15.39 1.79
CA ALA A 229 18.67 -15.42 1.49
C ALA A 229 19.13 -16.71 0.82
N THR A 230 18.28 -17.73 0.79
CA THR A 230 18.70 -19.01 0.16
C THR A 230 18.32 -19.07 -1.30
N LYS A 231 17.70 -18.00 -1.81
CA LYS A 231 17.29 -17.94 -3.21
C LYS A 231 18.50 -17.99 -4.13
N SER A 232 18.44 -18.82 -5.18
CA SER A 232 19.52 -18.84 -6.16
C SER A 232 19.78 -17.45 -6.68
N GLY A 233 21.04 -17.03 -6.64
CA GLY A 233 21.41 -15.72 -7.16
C GLY A 233 21.17 -14.57 -6.20
N ALA A 234 20.75 -14.87 -4.98
CA ALA A 234 20.45 -13.80 -4.03
C ALA A 234 21.74 -13.03 -3.70
N ASP A 235 21.66 -11.70 -3.76
CA ASP A 235 22.80 -10.82 -3.52
C ASP A 235 22.34 -9.65 -2.64
N PHE A 236 22.70 -9.69 -1.36
CA PHE A 236 22.29 -8.65 -0.39
C PHE A 236 23.46 -7.80 0.05
N ASP A 237 24.56 -7.85 -0.69
CA ASP A 237 25.80 -7.21 -0.25
C ASP A 237 25.67 -5.71 0.02
N GLU A 238 25.06 -4.97 -0.89
CA GLU A 238 24.86 -3.54 -0.71
C GLU A 238 23.89 -3.27 0.44
N GLU A 239 22.83 -4.06 0.49
CA GLU A 239 21.83 -3.93 1.53
C GLU A 239 22.42 -4.18 2.92
N LEU A 240 23.21 -5.24 3.02
CA LEU A 240 23.84 -5.61 4.26
C LEU A 240 24.84 -4.56 4.72
N THR A 241 25.59 -4.02 3.76
CA THR A 241 26.52 -2.94 4.04
C THR A 241 25.77 -1.77 4.68
N ASP A 242 24.68 -1.37 4.03
CA ASP A 242 23.78 -0.31 4.49
C ASP A 242 23.32 -0.56 5.93
N LEU A 243 22.93 -1.79 6.24
CA LEU A 243 22.46 -2.13 7.60
C LEU A 243 23.62 -2.27 8.59
N LEU A 244 24.81 -2.62 8.10
CA LEU A 244 25.94 -2.75 9.02
C LEU A 244 26.41 -1.37 9.45
N TYR A 245 26.31 -0.41 8.54
CA TYR A 245 26.66 0.96 8.90
C TYR A 245 25.72 1.44 9.99
N PHE A 246 24.44 1.13 9.81
CA PHE A 246 23.41 1.44 10.75
C PHE A 246 23.70 0.88 12.12
N VAL A 247 24.11 -0.39 12.18
CA VAL A 247 24.38 -1.02 13.47
C VAL A 247 25.59 -0.38 14.16
N VAL A 248 26.64 -0.10 13.39
CA VAL A 248 27.82 0.59 13.91
C VAL A 248 27.45 1.97 14.44
N ASP A 249 26.54 2.64 13.75
CA ASP A 249 26.09 3.95 14.17
C ASP A 249 25.27 3.88 15.45
N ILE A 250 24.41 2.87 15.57
CA ILE A 250 23.61 2.72 16.80
C ILE A 250 24.59 2.49 17.95
N LEU A 251 25.53 1.57 17.75
CA LEU A 251 26.54 1.28 18.74
C LEU A 251 27.33 2.53 19.11
N GLN A 252 27.81 3.23 18.11
CA GLN A 252 28.58 4.46 18.33
C GLN A 252 27.79 5.44 19.17
N PHE A 253 26.53 5.68 18.82
CA PHE A 253 25.74 6.64 19.57
C PHE A 253 25.54 6.21 21.00
N HIS A 254 25.39 4.91 21.24
CA HIS A 254 25.13 4.40 22.58
C HIS A 254 26.41 3.95 23.30
N GLY A 255 27.53 4.59 22.98
CA GLY A 255 28.75 4.46 23.77
C GLY A 255 29.68 3.31 23.44
N GLU A 256 29.58 2.74 22.23
CA GLU A 256 30.53 1.74 21.79
C GLU A 256 31.11 2.16 20.44
N ARG A 257 32.25 2.84 20.51
CA ARG A 257 32.81 3.52 19.35
C ARG A 257 33.70 2.61 18.50
N ASN A 258 33.61 2.83 17.20
CA ASN A 258 34.29 2.03 16.19
C ASN A 258 34.46 2.83 14.92
N ALA A 259 35.69 2.98 14.47
CA ALA A 259 36.00 3.75 13.27
C ALA A 259 35.69 2.96 12.02
N TYR A 260 34.99 3.58 11.08
CA TYR A 260 34.60 2.94 9.81
C TYR A 260 35.78 2.30 9.07
N ASP A 261 36.91 2.99 9.02
CA ASP A 261 38.07 2.51 8.29
C ASP A 261 38.76 1.34 8.99
N GLU A 262 38.46 1.15 10.27
CA GLU A 262 39.04 0.08 11.05
C GLU A 262 38.13 -1.16 11.09
N ILE A 263 37.01 -1.09 10.38
CA ILE A 263 36.10 -2.23 10.27
C ILE A 263 36.19 -2.89 8.90
N ASP A 264 36.27 -4.21 8.91
CA ASP A 264 36.22 -5.02 7.70
C ASP A 264 34.76 -5.34 7.39
N PHE A 265 34.07 -4.40 6.75
CA PHE A 265 32.65 -4.56 6.47
C PHE A 265 32.38 -5.76 5.56
N ASP A 266 33.29 -6.00 4.63
CA ASP A 266 33.03 -7.00 3.60
C ASP A 266 33.03 -8.40 4.20
N SER A 267 33.89 -8.64 5.20
CA SER A 267 33.84 -9.89 5.95
C SER A 267 32.55 -10.00 6.80
N MET A 268 32.12 -8.88 7.37
CA MET A 268 30.88 -8.88 8.16
C MET A 268 29.67 -9.21 7.30
N VAL A 269 29.69 -8.74 6.05
CA VAL A 269 28.63 -9.01 5.08
C VAL A 269 28.51 -10.48 4.77
N VAL A 270 29.65 -11.15 4.51
CA VAL A 270 29.64 -12.56 4.14
C VAL A 270 29.07 -13.43 5.27
N GLU A 271 29.54 -13.20 6.49
CA GLU A 271 29.11 -13.98 7.65
C GLU A 271 27.63 -13.71 8.02
N THR A 272 27.21 -12.47 7.88
CA THR A 272 25.80 -12.12 8.16
C THR A 272 24.90 -12.80 7.14
N MET A 273 25.30 -12.76 5.88
CA MET A 273 24.53 -13.45 4.85
C MET A 273 24.42 -14.94 5.12
N ASP A 274 25.51 -15.58 5.55
CA ASP A 274 25.46 -17.00 5.87
C ASP A 274 24.51 -17.26 7.03
N ALA A 275 24.53 -16.38 8.02
CA ALA A 275 23.57 -16.44 9.12
C ALA A 275 22.11 -16.31 8.66
N LEU A 276 21.87 -15.46 7.66
CA LEU A 276 20.54 -15.30 7.10
C LEU A 276 20.15 -16.49 6.27
N MET A 277 21.13 -17.11 5.62
CA MET A 277 20.84 -18.33 4.88
C MET A 277 20.39 -19.43 5.86
N ALA A 278 21.07 -19.53 7.00
CA ALA A 278 20.69 -20.47 8.07
C ALA A 278 19.29 -20.19 8.58
N TYR A 279 18.98 -18.92 8.78
CA TYR A 279 17.63 -18.53 9.21
C TYR A 279 16.59 -18.97 8.20
N HIS A 280 16.80 -18.61 6.95
CA HIS A 280 15.78 -18.85 5.96
C HIS A 280 15.68 -20.32 5.54
N ALA A 281 16.80 -21.03 5.53
CA ALA A 281 16.74 -22.48 5.37
C ALA A 281 15.82 -23.11 6.42
N GLU A 282 15.98 -22.74 7.68
CA GLU A 282 15.11 -23.30 8.71
C GLU A 282 13.66 -22.79 8.57
N ALA A 283 13.47 -21.50 8.32
CA ALA A 283 12.12 -20.97 8.16
C ALA A 283 11.39 -21.64 6.99
N ASN A 284 12.08 -21.83 5.86
CA ASN A 284 11.45 -22.45 4.70
C ASN A 284 11.08 -23.91 4.92
N ALA A 285 11.79 -24.59 5.82
CA ALA A 285 11.61 -26.03 5.98
C ALA A 285 10.30 -26.32 6.71
N ALA A 286 9.91 -25.43 7.61
CA ALA A 286 8.74 -25.64 8.45
C ALA A 286 7.78 -24.49 8.29
N PRO A 287 6.92 -24.55 7.26
CA PRO A 287 5.96 -23.47 6.99
C PRO A 287 4.60 -23.70 7.64
N SER A 291 -0.96 -16.78 6.32
CA SER A 291 -0.89 -15.66 7.27
C SER A 291 -1.92 -14.53 7.03
N HIS A 292 -2.30 -14.24 5.78
CA HIS A 292 -3.29 -13.19 5.57
C HIS A 292 -2.76 -11.84 6.03
N ALA A 293 -1.45 -11.66 5.90
CA ALA A 293 -0.82 -10.39 6.21
C ALA A 293 -1.34 -9.28 5.36
N HIS A 294 -1.54 -8.12 5.99
CA HIS A 294 -1.94 -6.91 5.30
C HIS A 294 -1.10 -5.78 5.86
N THR A 295 -0.68 -4.88 4.99
CA THR A 295 -0.03 -3.63 5.34
C THR A 295 -0.97 -2.44 5.14
N ILE A 296 -0.98 -1.53 6.10
CA ILE A 296 -1.74 -0.30 5.98
C ILE A 296 -0.82 0.90 6.08
N LEU A 297 -0.76 1.71 5.03
CA LEU A 297 0.12 2.88 4.99
C LEU A 297 -0.59 4.13 5.44
N VAL A 298 0.10 4.92 6.26
CA VAL A 298 -0.32 6.29 6.58
C VAL A 298 0.71 7.22 5.98
N LEU A 299 0.29 8.13 5.11
CA LEU A 299 1.20 8.90 4.27
C LEU A 299 1.05 10.38 4.54
N ASP A 300 2.15 11.09 4.62
CA ASP A 300 2.08 12.55 4.72
C ASP A 300 1.48 13.09 3.43
N LYS A 301 1.00 14.33 3.51
CA LYS A 301 0.19 14.95 2.46
C LYS A 301 0.81 14.92 1.06
N GLN A 302 2.12 15.02 0.98
CA GLN A 302 2.78 15.06 -0.34
C GLN A 302 3.25 13.67 -0.81
N LEU A 303 3.00 12.63 -0.03
CA LEU A 303 3.47 11.29 -0.40
C LEU A 303 2.40 10.36 -0.98
N HIS A 304 1.14 10.77 -1.05
CA HIS A 304 0.11 9.94 -1.65
C HIS A 304 0.32 9.75 -3.15
N VAL A 305 1.02 10.68 -3.79
CA VAL A 305 1.17 10.61 -5.24
C VAL A 305 2.12 9.48 -5.65
N PHE A 306 3.02 9.08 -4.73
CA PHE A 306 3.94 7.98 -5.00
C PHE A 306 3.19 6.65 -4.97
N PRO A 307 3.38 5.83 -6.03
CA PRO A 307 2.73 4.51 -6.01
C PRO A 307 3.54 3.47 -5.19
N TRP A 308 3.48 3.60 -3.85
CA TRP A 308 4.35 2.81 -2.94
C TRP A 308 4.12 1.34 -3.19
N GLU A 309 2.85 0.99 -3.37
CA GLU A 309 2.42 -0.39 -3.57
C GLU A 309 3.09 -1.09 -4.73
N SER A 310 3.62 -0.31 -5.65
CA SER A 310 4.27 -0.83 -6.86
C SER A 310 5.79 -0.86 -6.77
N LEU A 311 6.35 -0.47 -5.63
CA LEU A 311 7.78 -0.71 -5.40
C LEU A 311 8.05 -2.19 -5.53
N PRO A 312 9.27 -2.57 -6.00
CA PRO A 312 9.57 -4.01 -6.15
C PRO A 312 9.24 -4.83 -4.87
N CYS A 313 9.57 -4.25 -3.73
CA CYS A 313 9.43 -4.96 -2.47
C CYS A 313 7.97 -5.02 -1.98
N LEU A 314 7.06 -4.23 -2.57
CA LEU A 314 5.63 -4.35 -2.21
C LEU A 314 4.74 -4.94 -3.31
N GLN A 315 5.33 -5.24 -4.48
CA GLN A 315 4.57 -5.68 -5.61
C GLN A 315 3.83 -6.98 -5.26
N GLY A 316 2.54 -7.01 -5.51
CA GLY A 316 1.79 -8.24 -5.29
C GLY A 316 1.40 -8.47 -3.84
N LEU A 317 1.89 -7.64 -2.90
CA LEU A 317 1.54 -7.80 -1.49
C LEU A 317 0.31 -6.96 -1.18
N ALA A 318 -0.43 -7.42 -0.19
CA ALA A 318 -1.68 -6.78 0.20
C ALA A 318 -1.40 -5.51 1.01
N VAL A 319 -1.59 -4.37 0.35
CA VAL A 319 -1.31 -3.05 0.92
C VAL A 319 -2.46 -2.11 0.68
N SER A 320 -2.99 -1.49 1.73
CA SER A 320 -3.96 -0.39 1.59
C SER A 320 -3.39 0.87 2.30
N ARG A 321 -4.11 1.96 2.21
CA ARG A 321 -3.76 3.19 2.85
C ARG A 321 -4.89 3.59 3.78
N ILE A 322 -4.61 4.43 4.78
CA ILE A 322 -5.67 4.98 5.63
C ILE A 322 -5.28 6.43 5.95
N PRO A 323 -6.26 7.34 5.96
CA PRO A 323 -5.85 8.75 6.12
C PRO A 323 -5.29 9.10 7.48
N SER A 324 -5.65 8.34 8.51
CA SER A 324 -5.25 8.64 9.86
C SER A 324 -5.55 7.45 10.74
N LEU A 325 -4.96 7.42 11.93
CA LEU A 325 -5.25 6.34 12.86
C LEU A 325 -6.68 6.45 13.39
N ALA A 326 -7.19 7.68 13.46
CA ALA A 326 -8.58 7.89 13.85
C ALA A 326 -9.55 7.22 12.87
N CYS A 327 -9.28 7.37 11.56
CA CYS A 327 -10.10 6.74 10.55
C CYS A 327 -9.97 5.22 10.67
N LEU A 328 -8.75 4.73 10.88
CA LEU A 328 -8.56 3.30 11.04
C LEU A 328 -9.40 2.74 12.17
N ARG A 329 -9.31 3.39 13.32
CA ARG A 329 -10.01 2.91 14.51
C ARG A 329 -11.51 2.91 14.28
N LYS A 330 -12.04 3.96 13.65
CA LYS A 330 -13.48 4.01 13.34
C LYS A 330 -13.94 2.84 12.47
N LEU A 331 -13.21 2.60 11.40
CA LEU A 331 -13.54 1.49 10.52
C LEU A 331 -13.48 0.15 11.22
N LEU A 332 -12.46 -0.06 12.05
CA LEU A 332 -12.37 -1.31 12.83
C LEU A 332 -13.57 -1.52 13.78
N LEU A 333 -13.99 -0.46 14.45
CA LEU A 333 -15.09 -0.57 15.41
C LEU A 333 -16.45 -0.71 14.71
N ASP A 334 -16.50 -0.37 13.43
CA ASP A 334 -17.69 -0.53 12.58
C ASP A 334 -17.74 -1.86 11.82
N ARG A 335 -16.72 -2.70 11.94
CA ARG A 335 -16.66 -3.95 11.15
C ARG A 335 -17.91 -4.81 11.29
N ARG A 336 -18.39 -5.33 10.15
CA ARG A 336 -19.47 -6.33 10.14
C ARG A 336 -18.86 -7.73 10.09
N ARG A 337 -19.36 -8.61 10.94
CA ARG A 337 -18.92 -10.02 10.99
C ARG A 337 -19.54 -10.83 9.87
N SER A 338 -18.86 -11.90 9.46
CA SER A 338 -19.37 -12.81 8.46
C SER A 338 -20.65 -13.52 8.92
N SER A 339 -21.54 -13.74 7.96
CA SER A 339 -22.73 -14.57 8.14
C SER A 339 -22.43 -15.89 8.85
N SER A 340 -21.29 -16.49 8.55
CA SER A 340 -20.82 -17.68 9.24
C SER A 340 -20.47 -17.40 10.70
N ASP A 351 -9.92 -17.77 12.62
CA ASP A 351 -9.99 -17.52 11.19
C ASP A 351 -9.50 -16.10 10.96
N PRO A 352 -8.31 -15.95 10.36
CA PRO A 352 -7.79 -14.60 10.11
C PRO A 352 -8.75 -13.72 9.31
N ARG A 353 -9.59 -14.31 8.47
CA ARG A 353 -10.55 -13.56 7.68
C ARG A 353 -11.58 -12.82 8.55
N SER A 354 -11.81 -13.33 9.77
CA SER A 354 -12.78 -12.71 10.67
C SER A 354 -12.30 -11.32 11.11
N ALA A 355 -11.06 -11.00 10.79
CA ALA A 355 -10.51 -9.70 11.11
C ALA A 355 -11.03 -8.60 10.17
N GLY A 356 -11.53 -8.98 9.01
CA GLY A 356 -11.95 -7.98 8.04
C GLY A 356 -13.37 -7.57 8.23
N HIS A 357 -13.76 -6.56 7.48
CA HIS A 357 -15.15 -6.23 7.32
C HIS A 357 -15.75 -7.23 6.31
N HIS A 358 -16.98 -7.69 6.56
CA HIS A 358 -17.67 -8.62 5.66
C HIS A 358 -18.85 -7.92 5.04
N ALA A 359 -18.81 -7.81 3.71
CA ALA A 359 -19.86 -7.15 2.93
C ALA A 359 -20.67 -8.18 2.16
N PRO A 360 -21.99 -8.24 2.39
CA PRO A 360 -22.80 -9.17 1.60
C PRO A 360 -22.70 -8.92 0.11
N LEU A 361 -22.72 -10.00 -0.65
CA LEU A 361 -22.75 -9.93 -2.10
C LEU A 361 -24.10 -9.38 -2.56
N SER A 362 -25.16 -9.79 -1.88
CA SER A 362 -26.49 -9.35 -2.24
C SER A 362 -26.71 -7.84 -2.02
N GLY A 363 -27.39 -7.20 -2.98
CA GLY A 363 -27.90 -5.85 -2.79
C GLY A 363 -26.96 -4.70 -3.12
N GLY A 364 -25.94 -4.97 -3.92
CA GLY A 364 -25.01 -3.93 -4.36
C GLY A 364 -25.62 -3.05 -5.40
N THR A 365 -24.86 -2.03 -5.82
CA THR A 365 -25.27 -1.12 -6.89
C THR A 365 -24.12 -1.04 -7.86
N TYR A 366 -24.42 -1.09 -9.16
CA TYR A 366 -23.44 -0.68 -10.15
C TYR A 366 -23.94 0.43 -11.04
N ILE A 367 -23.03 1.33 -11.34
CA ILE A 367 -23.26 2.49 -12.15
C ILE A 367 -22.28 2.34 -13.31
N LEU A 368 -22.81 2.04 -14.49
CA LEU A 368 -21.99 1.62 -15.61
C LEU A 368 -22.19 2.58 -16.76
N ASN A 369 -21.10 3.24 -17.16
CA ASN A 369 -21.13 4.21 -18.27
C ASN A 369 -22.16 5.33 -18.10
N PRO A 370 -22.13 6.07 -16.98
CA PRO A 370 -23.15 7.10 -16.71
C PRO A 370 -23.24 8.22 -17.73
N SER A 371 -22.12 8.55 -18.37
CA SER A 371 -22.11 9.65 -19.34
C SER A 371 -22.27 9.15 -20.79
N SER A 372 -22.41 7.84 -20.94
CA SER A 372 -22.77 7.14 -22.20
C SER A 372 -21.62 6.99 -23.21
N ASP A 373 -20.52 7.71 -23.01
CA ASP A 373 -19.39 7.66 -23.95
C ASP A 373 -18.38 6.52 -23.69
N LEU A 374 -18.50 5.81 -22.57
CA LEU A 374 -17.61 4.70 -22.25
C LEU A 374 -18.18 3.39 -22.80
N LEU A 375 -18.31 3.33 -24.12
CA LEU A 375 -18.96 2.20 -24.79
C LEU A 375 -18.25 0.87 -24.60
N SER A 376 -16.93 0.90 -24.69
CA SER A 376 -16.09 -0.28 -24.51
C SER A 376 -16.32 -0.88 -23.12
N THR A 377 -16.40 0.00 -22.14
CA THR A 377 -16.61 -0.41 -20.75
C THR A 377 -17.99 -1.05 -20.55
N GLN A 378 -19.02 -0.44 -21.14
CA GLN A 378 -20.35 -1.00 -21.03
C GLN A 378 -20.37 -2.38 -21.69
N LYS A 379 -19.75 -2.49 -22.84
CA LYS A 379 -19.72 -3.76 -23.57
C LYS A 379 -19.01 -4.85 -22.74
N THR A 380 -17.91 -4.49 -22.12
CA THR A 380 -17.15 -5.42 -21.30
C THR A 380 -17.93 -6.00 -20.13
N PHE A 381 -18.73 -5.18 -19.43
CA PHE A 381 -19.35 -5.59 -18.18
C PHE A 381 -20.87 -5.74 -18.19
N GLU A 382 -21.57 -5.17 -19.16
CA GLU A 382 -23.03 -5.13 -19.06
C GLU A 382 -23.66 -6.52 -18.89
N SER A 383 -23.35 -7.47 -19.76
CA SER A 383 -23.92 -8.81 -19.68
C SER A 383 -23.46 -9.58 -18.47
N LEU A 384 -22.19 -9.44 -18.12
CA LEU A 384 -21.65 -10.08 -16.92
C LEU A 384 -22.37 -9.58 -15.69
N PHE A 385 -22.52 -8.27 -15.57
CA PHE A 385 -23.21 -7.69 -14.42
C PHE A 385 -24.70 -8.07 -14.40
N SER A 386 -25.32 -8.19 -15.57
CA SER A 386 -26.71 -8.61 -15.62
C SER A 386 -26.84 -10.05 -15.11
N THR A 387 -26.06 -10.94 -15.70
CA THR A 387 -26.08 -12.36 -15.38
C THR A 387 -25.71 -12.71 -13.94
N HIS A 388 -24.66 -12.06 -13.42
CA HIS A 388 -24.08 -12.46 -12.14
C HIS A 388 -24.49 -11.59 -10.97
N LEU A 389 -24.97 -10.39 -11.24
CA LEU A 389 -25.24 -9.45 -10.16
C LEU A 389 -26.69 -9.05 -10.12
N HIS A 390 -27.16 -8.42 -11.18
CA HIS A 390 -28.52 -7.93 -11.21
C HIS A 390 -29.52 -9.10 -11.09
N SER A 391 -29.33 -10.17 -11.86
CA SER A 391 -30.32 -11.26 -11.85
C SER A 391 -30.37 -12.09 -10.56
N PRO A 392 -29.26 -12.72 -10.14
CA PRO A 392 -29.35 -13.58 -8.96
C PRO A 392 -29.12 -12.91 -7.60
N ASN A 393 -28.53 -11.72 -7.57
CA ASN A 393 -28.11 -11.10 -6.31
C ASN A 393 -28.72 -9.75 -5.96
N SER A 394 -29.85 -9.42 -6.59
CA SER A 394 -30.62 -8.22 -6.25
C SER A 394 -29.82 -6.90 -6.33
N TRP A 395 -28.90 -6.79 -7.28
CA TRP A 395 -28.15 -5.55 -7.43
C TRP A 395 -29.02 -4.48 -8.12
N THR A 396 -28.82 -3.23 -7.73
CA THR A 396 -29.38 -2.10 -8.47
C THR A 396 -28.46 -1.76 -9.66
N ARG A 397 -29.08 -1.60 -10.82
CA ARG A 397 -28.42 -1.33 -12.10
C ARG A 397 -28.70 0.12 -12.54
N ILE A 398 -27.66 0.91 -12.70
CA ILE A 398 -27.78 2.23 -13.36
C ILE A 398 -26.85 2.25 -14.58
N ILE A 399 -27.42 2.20 -15.79
CA ILE A 399 -26.60 2.05 -17.03
C ILE A 399 -26.86 3.13 -18.06
N SER A 400 -25.77 3.69 -18.62
CA SER A 400 -25.78 4.76 -19.64
C SER A 400 -26.82 5.83 -19.35
N ARG A 401 -26.86 6.24 -18.08
CA ARG A 401 -27.56 7.46 -17.69
C ARG A 401 -26.90 7.95 -16.41
N PRO A 402 -26.88 9.26 -16.18
CA PRO A 402 -26.26 9.74 -14.94
C PRO A 402 -27.07 9.30 -13.71
N PRO A 403 -26.40 8.92 -12.62
CA PRO A 403 -27.16 8.70 -11.39
C PRO A 403 -27.57 10.02 -10.78
N THR A 404 -28.75 10.08 -10.17
CA THR A 404 -29.15 11.28 -9.48
C THR A 404 -28.42 11.29 -8.16
N GLU A 405 -28.38 12.44 -7.49
CA GLU A 405 -27.68 12.51 -6.23
C GLU A 405 -28.38 11.64 -5.18
N PRO A 406 -29.74 11.68 -5.15
CA PRO A 406 -30.43 10.76 -4.23
C PRO A 406 -30.11 9.30 -4.53
N GLU A 407 -30.00 8.90 -5.80
CA GLU A 407 -29.65 7.52 -6.13
C GLU A 407 -28.28 7.14 -5.62
N PHE A 408 -27.34 8.07 -5.76
CA PHE A 408 -25.97 7.84 -5.35
C PHE A 408 -25.89 7.69 -3.83
N LEU A 409 -26.53 8.61 -3.11
CA LEU A 409 -26.59 8.55 -1.64
C LEU A 409 -27.26 7.30 -1.15
N SER A 410 -28.37 6.94 -1.78
CA SER A 410 -29.09 5.74 -1.38
C SER A 410 -28.20 4.52 -1.57
N ALA A 411 -27.42 4.50 -2.66
CA ALA A 411 -26.49 3.37 -2.85
C ALA A 411 -25.43 3.32 -1.75
N LEU A 412 -24.88 4.47 -1.38
CA LEU A 412 -23.88 4.50 -0.33
C LEU A 412 -24.45 4.04 0.99
N THR A 413 -25.69 4.41 1.26
CA THR A 413 -26.36 4.06 2.51
C THR A 413 -26.78 2.60 2.60
N HIS A 414 -27.22 2.01 1.49
CA HIS A 414 -27.91 0.73 1.57
C HIS A 414 -27.18 -0.42 0.91
N SER A 415 -26.29 -0.15 -0.04
CA SER A 415 -25.56 -1.21 -0.73
C SER A 415 -24.24 -1.58 -0.07
N PRO A 416 -23.97 -2.88 0.11
CA PRO A 416 -22.68 -3.24 0.71
C PRO A 416 -21.51 -2.94 -0.24
N ILE A 417 -21.81 -2.92 -1.54
CA ILE A 417 -20.78 -2.70 -2.54
C ILE A 417 -21.34 -1.75 -3.59
N LEU A 418 -20.57 -0.72 -3.91
CA LEU A 418 -20.89 0.19 -5.04
C LEU A 418 -19.79 0.14 -6.07
N LEU A 419 -20.15 -0.21 -7.29
CA LEU A 419 -19.20 -0.22 -8.40
C LEU A 419 -19.50 0.97 -9.28
N TYR A 420 -18.51 1.83 -9.46
CA TYR A 420 -18.65 3.01 -10.28
C TYR A 420 -17.71 2.94 -11.48
N PHE A 421 -18.29 2.74 -12.66
CA PHE A 421 -17.55 2.71 -13.92
C PHE A 421 -17.90 3.93 -14.76
N GLY A 422 -17.28 5.06 -14.43
CA GLY A 422 -17.54 6.31 -15.11
C GLY A 422 -16.31 7.22 -15.02
N HIS A 423 -16.45 8.46 -15.48
CA HIS A 423 -15.33 9.41 -15.39
C HIS A 423 -15.10 9.84 -13.95
N GLY A 424 -13.83 9.89 -13.55
CA GLY A 424 -13.45 10.49 -12.28
C GLY A 424 -13.95 9.78 -11.06
N SER A 425 -14.26 10.57 -10.04
CA SER A 425 -14.68 10.05 -8.76
C SER A 425 -16.20 9.94 -8.62
N GLY A 426 -16.93 10.43 -9.59
CA GLY A 426 -18.38 10.55 -9.44
C GLY A 426 -18.82 11.83 -8.71
N ALA A 427 -17.87 12.72 -8.40
CA ALA A 427 -18.18 13.94 -7.66
C ALA A 427 -19.08 14.86 -8.48
N GLN A 428 -19.09 14.65 -9.79
CA GLN A 428 -19.98 15.37 -10.65
C GLN A 428 -21.45 15.00 -10.42
N TYR A 429 -21.70 13.93 -9.65
CA TYR A 429 -23.07 13.44 -9.47
C TYR A 429 -23.57 13.59 -8.02
N ILE A 430 -22.66 13.88 -7.10
CA ILE A 430 -22.98 13.90 -5.67
C ILE A 430 -22.08 14.88 -4.95
N ARG A 431 -22.69 15.82 -4.22
CA ARG A 431 -21.92 16.82 -3.49
C ARG A 431 -21.22 16.20 -2.31
N SER A 432 -20.00 16.69 -2.08
CA SER A 432 -19.17 16.20 -1.00
C SER A 432 -19.88 16.33 0.33
N ARG A 433 -20.59 17.43 0.52
CA ARG A 433 -21.15 17.72 1.82
C ARG A 433 -22.27 16.73 2.15
N ASN A 434 -22.86 16.10 1.14
CA ASN A 434 -23.95 15.16 1.42
C ASN A 434 -23.41 13.77 1.75
N ILE A 435 -22.20 13.48 1.31
CA ILE A 435 -21.52 12.26 1.75
C ILE A 435 -21.13 12.39 3.24
N ARG A 436 -20.97 13.62 3.72
CA ARG A 436 -20.70 13.90 5.15
C ARG A 436 -21.95 13.91 6.04
N HIS A 437 -23.09 14.32 5.48
CA HIS A 437 -24.35 14.24 6.21
C HIS A 437 -24.81 12.80 6.43
N LEU A 438 -24.16 11.82 5.78
CA LEU A 438 -24.64 10.44 5.87
C LEU A 438 -24.46 9.92 7.29
N ASP A 439 -25.53 9.36 7.83
CA ASP A 439 -25.47 8.63 9.08
C ASP A 439 -24.36 7.58 8.97
N HIS A 440 -24.45 6.73 7.96
CA HIS A 440 -23.38 5.78 7.68
C HIS A 440 -23.23 5.48 6.19
N CYS A 441 -21.99 5.54 5.71
CA CYS A 441 -21.70 5.06 4.38
C CYS A 441 -21.45 3.56 4.52
N ARG A 442 -22.46 2.76 4.20
CA ARG A 442 -22.33 1.32 4.30
C ARG A 442 -21.42 0.76 3.22
N ALA A 443 -21.47 1.36 2.03
CA ALA A 443 -20.82 0.83 0.84
C ALA A 443 -19.32 0.85 0.89
N THR A 444 -18.76 -0.27 0.42
CA THR A 444 -17.38 -0.34 -0.06
C THR A 444 -17.41 0.13 -1.52
N VAL A 445 -16.54 1.04 -1.88
CA VAL A 445 -16.75 1.84 -3.10
C VAL A 445 -15.58 1.62 -4.05
N LEU A 446 -15.87 1.19 -5.26
CA LEU A 446 -14.83 1.04 -6.28
C LEU A 446 -15.02 2.12 -7.37
N LEU A 447 -14.11 3.08 -7.40
CA LEU A 447 -14.20 4.18 -8.36
C LEU A 447 -13.25 3.87 -9.53
N MET A 448 -13.77 3.16 -10.52
CA MET A 448 -12.96 2.66 -11.63
C MET A 448 -12.98 3.64 -12.78
N GLY A 449 -12.10 4.62 -12.67
CA GLY A 449 -12.12 5.78 -13.56
C GLY A 449 -10.82 6.54 -13.40
N CYS A 450 -10.65 7.53 -14.27
CA CYS A 450 -9.49 8.42 -14.29
C CYS A 450 -9.36 9.28 -13.06
N SER A 451 -8.18 9.24 -12.43
CA SER A 451 -7.83 10.11 -11.33
C SER A 451 -8.96 10.18 -10.30
N SER A 452 -9.56 9.04 -9.98
CA SER A 452 -10.69 9.04 -9.08
C SER A 452 -10.31 9.29 -7.62
N ALA A 453 -9.05 9.17 -7.27
CA ALA A 453 -8.58 9.67 -5.96
C ALA A 453 -8.55 11.20 -5.88
N ALA A 454 -8.54 11.86 -7.01
CA ALA A 454 -8.62 13.32 -7.08
C ALA A 454 -7.51 14.11 -6.39
N LEU A 455 -6.25 13.68 -6.50
CA LEU A 455 -5.12 14.53 -6.10
C LEU A 455 -5.10 15.89 -6.80
N THR A 456 -4.55 16.89 -6.11
CA THR A 456 -4.39 18.23 -6.68
C THR A 456 -3.41 18.21 -7.81
N ALA A 457 -3.42 19.28 -8.58
CA ALA A 457 -2.45 19.46 -9.64
C ALA A 457 -1.01 19.29 -9.12
N LYS A 458 -0.78 19.58 -7.85
CA LYS A 458 0.57 19.42 -7.29
C LYS A 458 0.76 18.05 -6.62
N GLY A 459 -0.24 17.20 -6.73
CA GLY A 459 -0.11 15.83 -6.27
C GLY A 459 -0.41 15.67 -4.80
N GLU A 460 -1.22 16.58 -4.23
CA GLU A 460 -1.47 16.50 -2.79
C GLU A 460 -2.83 15.94 -2.56
N PHE A 461 -2.94 15.25 -1.41
CA PHE A 461 -4.10 14.54 -0.95
C PHE A 461 -4.83 15.45 0.07
N GLU A 462 -5.99 15.97 -0.30
CA GLU A 462 -6.65 16.99 0.51
C GLU A 462 -7.81 16.46 1.33
N PRO A 463 -8.00 17.02 2.54
CA PRO A 463 -9.08 16.62 3.45
C PRO A 463 -10.46 16.83 2.82
N SER A 464 -10.55 17.63 1.78
CA SER A 464 -11.84 17.90 1.13
C SER A 464 -12.06 16.98 -0.08
N GLY A 465 -11.10 16.13 -0.39
CA GLY A 465 -11.23 15.28 -1.55
C GLY A 465 -12.22 14.15 -1.28
N PRO A 466 -12.65 13.47 -2.33
CA PRO A 466 -13.64 12.38 -2.20
C PRO A 466 -13.21 11.25 -1.27
N VAL A 467 -11.95 10.85 -1.35
CA VAL A 467 -11.52 9.73 -0.56
C VAL A 467 -11.58 10.00 0.93
N TRP A 468 -11.06 11.17 1.35
CA TRP A 468 -11.18 11.59 2.73
C TRP A 468 -12.66 11.64 3.13
N ASN A 469 -13.51 12.16 2.25
CA ASN A 469 -14.94 12.25 2.60
C ASN A 469 -15.59 10.87 2.79
N TYR A 470 -15.28 9.91 1.91
CA TYR A 470 -15.80 8.56 2.10
C TYR A 470 -15.29 7.95 3.39
N MET A 471 -13.99 8.12 3.65
CA MET A 471 -13.38 7.55 4.86
C MET A 471 -14.01 8.12 6.13
N LEU A 472 -14.28 9.41 6.12
CA LEU A 472 -14.87 10.06 7.27
C LEU A 472 -16.34 9.60 7.43
N ALA A 473 -17.00 9.35 6.30
CA ALA A 473 -18.39 8.88 6.33
C ALA A 473 -18.50 7.43 6.79
N GLY A 474 -17.38 6.72 6.74
CA GLY A 474 -17.32 5.35 7.23
C GLY A 474 -17.27 4.26 6.17
N ALA A 475 -16.99 4.60 4.91
CA ALA A 475 -16.83 3.55 3.90
C ALA A 475 -15.73 2.61 4.33
N PRO A 476 -15.97 1.28 4.32
CA PRO A 476 -14.92 0.35 4.80
C PRO A 476 -13.68 0.39 3.93
N ALA A 477 -13.88 0.59 2.63
CA ALA A 477 -12.78 0.81 1.71
C ALA A 477 -13.24 1.56 0.48
N VAL A 478 -12.27 2.21 -0.18
CA VAL A 478 -12.50 2.92 -1.42
C VAL A 478 -11.31 2.62 -2.33
N VAL A 479 -11.59 2.08 -3.50
CA VAL A 479 -10.56 1.83 -4.53
C VAL A 479 -10.62 2.96 -5.54
N GLY A 480 -9.46 3.53 -5.85
CA GLY A 480 -9.41 4.62 -6.79
C GLY A 480 -8.06 4.71 -7.48
N THR A 481 -7.90 5.74 -8.32
CA THR A 481 -6.71 5.88 -9.16
C THR A 481 -6.05 7.22 -8.91
N LEU A 482 -4.72 7.19 -8.90
CA LEU A 482 -3.88 8.35 -8.60
C LEU A 482 -3.69 9.26 -9.80
N TRP A 483 -3.89 8.71 -11.00
CA TRP A 483 -3.80 9.47 -12.23
C TRP A 483 -4.71 8.87 -13.31
N ASP A 484 -4.63 9.40 -14.53
CA ASP A 484 -5.56 9.03 -15.59
C ASP A 484 -5.16 7.68 -16.17
N VAL A 485 -6.16 6.90 -16.58
CA VAL A 485 -5.93 5.56 -17.09
C VAL A 485 -6.87 5.34 -18.27
N THR A 486 -6.48 4.45 -19.17
CA THR A 486 -7.36 4.14 -20.31
C THR A 486 -8.50 3.26 -19.87
N ASP A 487 -9.64 3.36 -20.56
CA ASP A 487 -10.79 2.49 -20.26
C ASP A 487 -10.44 1.00 -20.38
N ARG A 488 -9.81 0.64 -21.48
CA ARG A 488 -9.51 -0.76 -21.75
C ARG A 488 -8.62 -1.34 -20.65
N ASP A 489 -7.58 -0.62 -20.24
CA ASP A 489 -6.61 -1.21 -19.31
C ASP A 489 -7.13 -1.12 -17.87
N ILE A 490 -7.89 -0.10 -17.49
CA ILE A 490 -8.38 -0.11 -16.12
C ILE A 490 -9.50 -1.15 -15.99
N ASP A 491 -10.22 -1.41 -17.08
CA ASP A 491 -11.22 -2.46 -17.04
C ASP A 491 -10.62 -3.86 -16.83
N ARG A 492 -9.42 -4.10 -17.35
CA ARG A 492 -8.70 -5.35 -17.08
C ARG A 492 -8.44 -5.49 -15.59
N PHE A 493 -7.96 -4.41 -14.99
CA PHE A 493 -7.71 -4.37 -13.58
C PHE A 493 -9.00 -4.59 -12.84
N ALA A 494 -10.08 -3.89 -13.24
CA ALA A 494 -11.31 -3.93 -12.47
C ALA A 494 -11.88 -5.34 -12.49
N GLY A 495 -11.85 -5.99 -13.65
CA GLY A 495 -12.34 -7.35 -13.77
C GLY A 495 -11.55 -8.32 -12.91
N GLY A 496 -10.24 -8.10 -12.85
CA GLY A 496 -9.36 -8.85 -11.97
C GLY A 496 -9.76 -8.67 -10.52
N VAL A 497 -10.04 -7.43 -10.11
CA VAL A 497 -10.46 -7.20 -8.72
C VAL A 497 -11.74 -7.98 -8.41
N LEU A 498 -12.70 -7.88 -9.31
CA LEU A 498 -14.01 -8.45 -9.07
C LEU A 498 -13.95 -9.98 -9.00
N GLU A 499 -13.12 -10.59 -9.82
CA GLU A 499 -12.92 -12.04 -9.77
C GLU A 499 -12.18 -12.49 -8.51
N GLY A 500 -11.10 -11.81 -8.17
CA GLY A 500 -10.31 -12.21 -7.03
C GLY A 500 -11.08 -12.04 -5.72
N TRP A 501 -11.89 -10.99 -5.67
CA TRP A 501 -12.72 -10.61 -4.51
C TRP A 501 -13.94 -11.50 -4.36
N GLY A 502 -14.37 -12.13 -5.45
CA GLY A 502 -15.52 -13.01 -5.43
C GLY A 502 -16.85 -12.37 -5.81
N VAL A 503 -16.80 -11.15 -6.31
CA VAL A 503 -18.02 -10.51 -6.81
C VAL A 503 -18.47 -11.16 -8.12
N LEU A 504 -17.50 -11.51 -8.96
CA LEU A 504 -17.75 -12.32 -10.14
C LEU A 504 -17.10 -13.70 -10.03
N PRO A 505 -17.67 -14.69 -10.74
CA PRO A 505 -17.01 -15.99 -10.79
C PRO A 505 -15.66 -15.96 -11.49
N GLU A 506 -14.77 -16.86 -11.09
CA GLU A 506 -13.50 -17.03 -11.75
C GLU A 506 -13.71 -17.30 -13.25
N GLY A 507 -12.87 -16.72 -14.09
CA GLY A 507 -12.93 -16.98 -15.52
C GLY A 507 -13.87 -16.08 -16.32
N CYS A 508 -14.61 -15.21 -15.65
CA CYS A 508 -15.58 -14.29 -16.27
C CYS A 508 -14.99 -13.50 -17.42
N MET A 509 -13.82 -12.93 -17.18
CA MET A 509 -13.28 -11.90 -18.03
C MET A 509 -12.60 -12.50 -19.25
N GLY A 510 -12.16 -13.74 -19.12
CA GLY A 510 -11.39 -14.39 -20.16
C GLY A 510 -12.24 -14.70 -21.37
N GLY A 519 -14.77 -21.62 -10.14
CA GLY A 519 -15.74 -21.31 -9.09
C GLY A 519 -15.70 -19.85 -8.65
N ARG A 520 -15.51 -19.60 -7.34
CA ARG A 520 -15.49 -18.23 -6.81
C ARG A 520 -14.37 -17.99 -5.78
N ASN A 521 -13.51 -17.00 -6.03
CA ASN A 521 -12.40 -16.66 -5.11
C ASN A 521 -12.95 -15.84 -3.93
N GLY A 522 -12.09 -15.54 -2.97
CA GLY A 522 -12.51 -14.91 -1.72
C GLY A 522 -11.36 -14.17 -1.05
N LEU A 523 -10.50 -13.57 -1.86
CA LEU A 523 -9.46 -12.71 -1.34
C LEU A 523 -10.11 -11.50 -0.65
N SER A 524 -9.39 -10.87 0.27
CA SER A 524 -9.82 -9.55 0.73
C SER A 524 -9.71 -8.62 -0.46
N LEU A 525 -10.43 -7.50 -0.40
CA LEU A 525 -10.40 -6.52 -1.47
C LEU A 525 -8.96 -6.05 -1.72
N VAL A 526 -8.21 -5.89 -0.63
CA VAL A 526 -6.84 -5.44 -0.67
C VAL A 526 -5.95 -6.46 -1.37
N GLN A 527 -6.12 -7.74 -1.04
CA GLN A 527 -5.40 -8.80 -1.74
C GLN A 527 -5.77 -8.87 -3.21
N ALA A 528 -7.05 -8.66 -3.48
CA ALA A 528 -7.56 -8.69 -4.83
C ALA A 528 -7.03 -7.55 -5.69
N VAL A 529 -6.89 -6.37 -5.10
CA VAL A 529 -6.28 -5.24 -5.79
C VAL A 529 -4.82 -5.54 -6.16
N ALA A 530 -4.09 -6.10 -5.21
CA ALA A 530 -2.65 -6.37 -5.43
C ALA A 530 -2.49 -7.39 -6.56
N LYS A 531 -3.32 -8.42 -6.57
CA LYS A 531 -3.24 -9.44 -7.61
C LYS A 531 -3.71 -8.92 -8.98
N ALA A 532 -4.73 -8.07 -8.97
CA ALA A 532 -5.38 -7.65 -10.20
C ALA A 532 -4.47 -6.73 -11.02
N ARG A 533 -3.44 -6.19 -10.38
CA ARG A 533 -2.45 -5.38 -11.08
C ARG A 533 -1.80 -6.19 -12.19
N ASP A 534 -1.75 -7.52 -12.02
CA ASP A 534 -1.18 -8.42 -13.01
C ASP A 534 -1.92 -8.42 -14.33
N ARG A 535 -3.19 -8.03 -14.32
CA ARG A 535 -4.01 -8.15 -15.51
C ARG A 535 -3.82 -7.03 -16.53
N CYS A 536 -3.24 -5.91 -16.10
CA CYS A 536 -3.08 -4.77 -16.99
C CYS A 536 -1.96 -5.01 -17.99
N ARG A 537 -2.11 -4.41 -19.17
CA ARG A 537 -1.03 -4.43 -20.15
C ARG A 537 0.19 -3.71 -19.59
N PHE A 538 -0.07 -2.61 -18.90
CA PHE A 538 0.99 -1.79 -18.31
C PHE A 538 0.88 -1.79 -16.79
N ARG A 539 1.83 -2.45 -16.15
CA ARG A 539 1.90 -2.55 -14.70
C ARG A 539 2.13 -1.18 -14.05
N TYR A 540 2.86 -0.31 -14.72
CA TYR A 540 3.18 0.96 -14.11
C TYR A 540 2.31 2.08 -14.65
N VAL A 541 2.18 2.19 -15.97
CA VAL A 541 1.39 3.26 -16.56
C VAL A 541 -0.06 3.17 -16.17
N THR A 542 -0.57 1.93 -16.04
CA THR A 542 -1.94 1.73 -15.57
C THR A 542 -2.07 1.24 -14.12
N ALA A 543 -1.55 0.07 -13.85
CA ALA A 543 -1.89 -0.62 -12.60
C ALA A 543 -1.36 0.13 -11.37
N ALA A 544 -0.24 0.82 -11.49
CA ALA A 544 0.34 1.52 -10.34
C ALA A 544 -0.52 2.70 -9.87
N ALA A 545 -1.42 3.16 -10.72
CA ALA A 545 -2.33 4.24 -10.35
C ALA A 545 -3.34 3.74 -9.32
N ALA A 546 -3.64 2.46 -9.37
CA ALA A 546 -4.70 1.90 -8.54
C ALA A 546 -4.27 1.73 -7.08
N VAL A 547 -5.10 2.23 -6.17
CA VAL A 547 -4.79 2.14 -4.75
C VAL A 547 -6.09 1.92 -3.99
N VAL A 548 -5.98 1.38 -2.78
CA VAL A 548 -7.19 1.23 -1.94
C VAL A 548 -6.92 1.89 -0.61
N TYR A 549 -7.87 2.75 -0.24
CA TYR A 549 -7.93 3.33 1.09
C TYR A 549 -8.96 2.58 1.94
N GLY A 550 -8.56 2.17 3.14
CA GLY A 550 -9.46 1.49 4.03
C GLY A 550 -8.87 0.21 4.55
N ILE A 551 -9.76 -0.67 5.03
CA ILE A 551 -9.35 -1.93 5.63
C ILE A 551 -9.79 -3.08 4.74
N PRO A 552 -9.24 -4.27 4.99
CA PRO A 552 -9.65 -5.45 4.25
C PRO A 552 -11.13 -5.72 4.34
N VAL A 553 -11.77 -5.90 3.18
CA VAL A 553 -13.18 -6.23 3.12
C VAL A 553 -13.31 -7.60 2.39
N TYR A 554 -14.09 -8.52 2.96
CA TYR A 554 -14.37 -9.80 2.32
C TYR A 554 -15.83 -9.84 1.86
N VAL A 555 -16.06 -10.48 0.72
CA VAL A 555 -17.41 -10.68 0.24
C VAL A 555 -18.01 -11.87 0.99
N ASP A 556 -19.23 -11.66 1.47
CA ASP A 556 -19.98 -12.66 2.26
C ASP A 556 -21.05 -13.13 1.30
N VAL A 557 -20.79 -14.24 0.62
CA VAL A 557 -21.64 -14.63 -0.51
C VAL A 557 -23.07 -14.94 -0.07
N ASP A 558 -23.23 -15.58 1.08
CA ASP A 558 -24.56 -15.91 1.58
C ASP A 558 -25.09 -14.86 2.57
N GLY A 559 -24.37 -13.76 2.77
CA GLY A 559 -24.75 -12.80 3.80
C GLY A 559 -25.97 -11.95 3.46
N LYS A 560 -26.54 -11.31 4.47
CA LYS A 560 -27.57 -10.29 4.26
C LYS A 560 -27.50 -9.25 5.37
N HIS B 10 5.41 14.14 19.76
CA HIS B 10 4.25 14.40 18.91
C HIS B 10 4.61 15.49 17.89
N SER B 11 5.68 15.25 17.12
CA SER B 11 6.01 16.05 15.94
C SER B 11 6.23 15.07 14.80
N GLN B 12 7.03 14.05 15.04
CA GLN B 12 7.17 12.96 14.10
C GLN B 12 5.95 12.00 14.16
N LEU B 13 5.09 12.22 15.14
CA LEU B 13 3.86 11.43 15.22
C LEU B 13 2.68 12.15 14.58
N GLU B 14 2.87 13.40 14.16
CA GLU B 14 1.75 14.17 13.62
C GLU B 14 1.20 13.55 12.32
N VAL B 15 2.04 12.83 11.60
CA VAL B 15 1.62 12.17 10.36
C VAL B 15 0.46 11.16 10.63
N LEU B 16 0.37 10.69 11.86
CA LEU B 16 -0.67 9.73 12.26
C LEU B 16 -2.00 10.36 12.60
N PHE B 17 -2.01 11.68 12.74
CA PHE B 17 -3.18 12.46 13.17
C PHE B 17 -3.52 13.64 12.27
N GLN B 18 -3.46 13.42 10.97
CA GLN B 18 -3.82 14.44 10.01
C GLN B 18 -5.33 14.53 9.91
N GLY B 19 -5.83 15.65 9.43
CA GLY B 19 -7.25 15.76 9.15
C GLY B 19 -8.06 15.95 10.42
N PRO B 20 -9.40 15.87 10.30
CA PRO B 20 -10.26 15.91 11.49
C PRO B 20 -10.37 14.55 12.19
#